data_3KD3
#
_entry.id   3KD3
#
_cell.length_a   72.574
_cell.length_b   78.798
_cell.length_c   87.918
_cell.angle_alpha   90.00
_cell.angle_beta   90.00
_cell.angle_gamma   90.00
#
_symmetry.space_group_name_H-M   'P 21 21 21'
#
loop_
_entity.id
_entity.type
_entity.pdbx_description
1 polymer 'Phosphoserine phosphohydrolase-like protein'
2 non-polymer 'MAGNESIUM ION'
3 non-polymer GLYCEROL
4 water water
#
_entity_poly.entity_id   1
_entity_poly.type   'polypeptide(L)'
_entity_poly.pdbx_seq_one_letter_code
;SNA(MSE)KNIIFDFDSTLIKKESLELILEPILQKSPAKLKEIEYITNLG(MSE)QGDISFRDSLQKRLAIASPTKQSIK
EFSNKYCPNLLTDGIKELVQDLKNKGFEIWIFSGGLSESIQPFADYLNIPRENIFAVETIWNSDGSFKELDNSNGACDSK
LSAFDKAKGLIDGEVIAIGDGYTDYQLYEKGYATKFIAY(MSE)EHIEREKVINLSKYVARNVAELASLI(MSE)
;
_entity_poly.pdbx_strand_id   A,B
#
# COMPACT_ATOMS: atom_id res chain seq x y z
N LYS A 5 10.60 -22.40 22.70
CA LYS A 5 9.94 -22.53 21.43
C LYS A 5 10.10 -21.28 20.60
N ASN A 6 10.09 -21.49 19.28
CA ASN A 6 10.57 -20.52 18.35
C ASN A 6 9.69 -20.45 17.12
N ILE A 7 9.49 -19.22 16.63
CA ILE A 7 8.88 -19.01 15.32
C ILE A 7 9.93 -18.35 14.40
N ILE A 8 10.12 -18.91 13.21
CA ILE A 8 10.98 -18.31 12.22
C ILE A 8 10.08 -17.80 11.08
N PHE A 9 10.04 -16.49 10.89
CA PHE A 9 9.31 -15.87 9.80
C PHE A 9 10.25 -15.54 8.66
N ASP A 10 9.81 -15.68 7.41
CA ASP A 10 10.41 -14.97 6.34
C ASP A 10 9.84 -13.54 6.35
N PHE A 11 10.51 -12.65 5.64
CA PHE A 11 10.07 -11.26 5.57
C PHE A 11 9.20 -11.07 4.32
N ASP A 12 9.82 -11.25 3.15
CA ASP A 12 9.17 -11.00 1.88
C ASP A 12 7.95 -11.88 1.71
N SER A 13 6.84 -11.28 1.31
CA SER A 13 5.58 -11.93 1.07
C SER A 13 5.02 -12.71 2.28
N THR A 14 5.60 -12.47 3.45
CA THR A 14 5.16 -13.12 4.67
C THR A 14 4.82 -12.06 5.74
N LEU A 15 5.84 -11.42 6.30
CA LEU A 15 5.63 -10.30 7.22
C LEU A 15 5.15 -9.06 6.50
N ILE A 16 5.63 -8.88 5.27
CA ILE A 16 5.19 -7.78 4.38
C ILE A 16 4.48 -8.36 3.18
N LYS A 17 3.65 -7.54 2.54
CA LYS A 17 2.70 -8.00 1.53
C LYS A 17 3.35 -8.26 0.17
N LYS A 18 4.55 -7.71 0.02
CA LYS A 18 5.24 -7.73 -1.26
C LYS A 18 6.70 -8.16 -1.09
N GLU A 19 7.40 -8.22 -2.21
CA GLU A 19 8.81 -8.52 -2.29
C GLU A 19 9.65 -7.27 -2.23
N SER A 20 10.50 -7.22 -1.21
CA SER A 20 11.23 -6.02 -0.85
C SER A 20 12.25 -5.61 -1.89
N LEU A 21 13.02 -6.56 -2.41
CA LEU A 21 14.14 -6.16 -3.30
C LEU A 21 13.56 -5.49 -4.54
N GLU A 22 12.49 -6.06 -5.11
CA GLU A 22 11.83 -5.45 -6.26
C GLU A 22 11.40 -4.01 -5.94
N LEU A 23 10.83 -3.78 -4.74
CA LEU A 23 10.36 -2.44 -4.38
C LEU A 23 11.52 -1.49 -4.14
N ILE A 24 12.64 -2.02 -3.65
CA ILE A 24 13.84 -1.17 -3.43
C ILE A 24 14.42 -0.67 -4.76
N LEU A 25 14.39 -1.54 -5.75
CA LEU A 25 14.96 -1.29 -7.06
C LEU A 25 14.04 -0.55 -8.03
N GLU A 26 12.74 -0.47 -7.74
CA GLU A 26 11.77 0.02 -8.71
C GLU A 26 12.10 1.45 -9.14
N PRO A 27 12.46 2.34 -8.19
CA PRO A 27 12.82 3.69 -8.65
C PRO A 27 14.03 3.73 -9.59
N ILE A 28 15.06 2.96 -9.25
CA ILE A 28 16.29 2.82 -10.02
CA ILE A 28 16.28 2.87 -10.05
C ILE A 28 15.90 2.34 -11.44
N LEU A 29 14.89 1.47 -11.53
CA LEU A 29 14.50 0.85 -12.81
C LEU A 29 13.23 1.40 -13.50
N GLN A 30 12.78 2.59 -13.15
CA GLN A 30 11.57 3.16 -13.75
C GLN A 30 11.71 3.26 -15.26
N LYS A 31 12.92 3.56 -15.73
CA LYS A 31 13.19 3.61 -17.16
C LYS A 31 13.30 2.25 -17.85
N SER A 32 13.48 1.18 -17.06
CA SER A 32 13.60 -0.18 -17.59
C SER A 32 12.59 -1.15 -16.97
N PRO A 33 11.30 -1.02 -17.31
CA PRO A 33 10.27 -1.88 -16.70
C PRO A 33 10.46 -3.38 -16.92
N ALA A 34 11.03 -3.75 -18.06
CA ALA A 34 11.27 -5.14 -18.34
C ALA A 34 12.27 -5.72 -17.34
N LYS A 35 13.20 -4.91 -16.84
CA LYS A 35 14.18 -5.40 -15.86
C LYS A 35 13.52 -5.76 -14.53
N LEU A 36 12.52 -4.98 -14.14
CA LEU A 36 11.76 -5.27 -12.94
C LEU A 36 10.94 -6.54 -13.09
N LYS A 37 10.33 -6.75 -14.26
CA LYS A 37 9.62 -7.99 -14.50
C LYS A 37 10.59 -9.20 -14.47
N GLU A 38 11.80 -8.99 -14.99
CA GLU A 38 12.79 -10.01 -14.96
C GLU A 38 13.17 -10.33 -13.50
N ILE A 39 13.37 -9.29 -12.69
CA ILE A 39 13.69 -9.53 -11.30
C ILE A 39 12.58 -10.34 -10.59
N GLU A 40 11.33 -9.96 -10.83
CA GLU A 40 10.17 -10.69 -10.27
C GLU A 40 10.21 -12.18 -10.69
N TYR A 41 10.50 -12.43 -11.95
CA TYR A 41 10.51 -13.81 -12.49
C TYR A 41 11.58 -14.64 -11.79
N ILE A 42 12.77 -14.07 -11.64
CA ILE A 42 13.90 -14.75 -11.00
C ILE A 42 13.59 -15.01 -9.53
N THR A 43 13.04 -14.03 -8.85
CA THR A 43 12.57 -14.25 -7.45
C THR A 43 11.66 -15.50 -7.37
N ASN A 44 10.66 -15.57 -8.23
CA ASN A 44 9.77 -16.70 -8.25
C ASN A 44 10.48 -17.98 -8.57
N LEU A 45 11.44 -17.98 -9.49
CA LEU A 45 12.21 -19.24 -9.69
C LEU A 45 12.88 -19.73 -8.43
N GLY A 46 13.51 -18.84 -7.66
CA GLY A 46 14.13 -19.26 -6.43
C GLY A 46 13.13 -19.74 -5.40
N GLN A 48 10.25 -21.05 -5.86
CA GLN A 48 9.66 -22.32 -6.31
C GLN A 48 10.63 -23.50 -6.21
N GLY A 49 11.91 -23.24 -5.91
CA GLY A 49 12.94 -24.26 -5.86
C GLY A 49 13.49 -24.67 -7.22
N ASP A 50 13.23 -23.85 -8.23
CA ASP A 50 13.66 -24.13 -9.62
C ASP A 50 15.14 -23.83 -9.85
N ILE A 51 15.68 -22.87 -9.13
CA ILE A 51 17.09 -22.53 -9.13
C ILE A 51 17.50 -22.30 -7.67
N SER A 52 18.80 -22.30 -7.40
CA SER A 52 19.26 -22.06 -6.03
C SER A 52 19.02 -20.63 -5.62
N PHE A 53 18.90 -20.45 -4.32
CA PHE A 53 18.74 -19.11 -3.83
C PHE A 53 19.95 -18.25 -4.18
N ARG A 54 21.15 -18.79 -4.04
CA ARG A 54 22.35 -18.01 -4.41
C ARG A 54 22.30 -17.56 -5.89
N ASP A 55 21.92 -18.46 -6.79
CA ASP A 55 21.82 -18.11 -8.19
C ASP A 55 20.75 -17.04 -8.40
N SER A 56 19.64 -17.14 -7.69
CA SER A 56 18.60 -16.08 -7.74
C SER A 56 19.11 -14.73 -7.29
N LEU A 57 19.71 -14.70 -6.12
CA LEU A 57 20.21 -13.44 -5.56
C LEU A 57 21.28 -12.82 -6.46
N GLN A 58 22.23 -13.62 -6.93
CA GLN A 58 23.29 -13.10 -7.75
C GLN A 58 22.74 -12.53 -9.05
N LYS A 59 21.79 -13.23 -9.68
CA LYS A 59 21.26 -12.74 -10.95
C LYS A 59 20.52 -11.43 -10.74
N ARG A 60 19.69 -11.36 -9.70
CA ARG A 60 18.95 -10.12 -9.45
C ARG A 60 19.85 -8.93 -9.20
N LEU A 61 20.92 -9.13 -8.43
CA LEU A 61 21.90 -8.09 -8.18
C LEU A 61 22.63 -7.71 -9.43
N ALA A 62 22.86 -8.66 -10.32
CA ALA A 62 23.46 -8.38 -11.63
C ALA A 62 22.56 -7.51 -12.50
N ILE A 63 21.28 -7.74 -12.44
CA ILE A 63 20.31 -6.93 -13.14
C ILE A 63 20.36 -5.50 -12.62
N ALA A 64 20.26 -5.33 -11.30
CA ALA A 64 20.38 -4.02 -10.69
C ALA A 64 20.79 -4.19 -9.25
N SER A 65 21.82 -3.46 -8.80
CA SER A 65 22.19 -3.53 -7.39
CA SER A 65 22.23 -3.49 -7.40
C SER A 65 21.71 -2.25 -6.68
N PRO A 66 21.27 -2.43 -5.47
CA PRO A 66 20.74 -1.29 -4.72
C PRO A 66 21.82 -0.33 -4.22
N THR A 67 21.39 0.77 -3.62
CA THR A 67 22.26 1.69 -2.93
C THR A 67 21.81 1.78 -1.46
N LYS A 68 22.70 2.33 -0.64
CA LYS A 68 22.36 2.64 0.75
C LYS A 68 21.10 3.49 0.86
N GLN A 69 21.03 4.57 0.06
CA GLN A 69 19.90 5.46 0.12
C GLN A 69 18.62 4.78 -0.40
N SER A 70 18.76 3.90 -1.38
CA SER A 70 17.55 3.18 -1.89
C SER A 70 16.87 2.36 -0.81
N ILE A 71 17.65 1.81 0.11
CA ILE A 71 17.07 1.06 1.23
C ILE A 71 16.37 2.02 2.19
N LYS A 72 16.98 3.18 2.45
CA LYS A 72 16.33 4.15 3.32
C LYS A 72 15.02 4.70 2.74
N GLU A 73 15.00 4.94 1.43
CA GLU A 73 13.77 5.37 0.78
C GLU A 73 12.68 4.28 0.89
N PHE A 74 13.04 3.04 0.67
CA PHE A 74 12.11 1.92 0.86
C PHE A 74 11.50 1.92 2.26
N SER A 75 12.34 2.04 3.27
CA SER A 75 11.89 2.07 4.68
C SER A 75 10.96 3.24 4.91
N ASN A 76 11.36 4.39 4.40
CA ASN A 76 10.55 5.58 4.59
C ASN A 76 9.14 5.47 3.96
N LYS A 77 9.04 4.84 2.81
CA LYS A 77 7.78 4.72 2.12
C LYS A 77 6.88 3.63 2.69
N TYR A 78 7.48 2.52 3.11
CA TYR A 78 6.71 1.26 3.30
C TYR A 78 6.62 0.74 4.72
N CYS A 79 7.40 1.28 5.64
CA CYS A 79 7.27 0.88 7.02
C CYS A 79 6.37 1.93 7.70
N PRO A 80 5.18 1.54 8.22
CA PRO A 80 4.67 0.22 8.48
C PRO A 80 3.60 -0.29 7.51
N ASN A 81 3.21 0.49 6.49
CA ASN A 81 2.01 0.16 5.75
C ASN A 81 2.09 -1.06 4.85
N LEU A 82 3.31 -1.53 4.58
CA LEU A 82 3.48 -2.71 3.78
C LEU A 82 3.37 -4.02 4.59
N LEU A 83 3.27 -3.92 5.91
CA LEU A 83 3.11 -5.08 6.79
C LEU A 83 1.78 -5.78 6.53
N THR A 84 1.86 -7.11 6.53
CA THR A 84 0.69 -7.96 6.48
C THR A 84 -0.35 -7.56 7.49
N ASP A 85 -1.61 -7.53 7.04
CA ASP A 85 -2.72 -7.18 7.96
C ASP A 85 -2.68 -8.00 9.23
N GLY A 86 -2.75 -7.33 10.36
CA GLY A 86 -2.79 -8.02 11.62
C GLY A 86 -1.50 -8.63 12.14
N ILE A 87 -0.37 -8.40 11.48
CA ILE A 87 0.86 -9.11 11.84
C ILE A 87 1.48 -8.63 13.15
N LYS A 88 1.41 -7.34 13.44
CA LYS A 88 2.01 -6.88 14.69
C LYS A 88 1.29 -7.55 15.88
N GLU A 89 -0.04 -7.60 15.83
CA GLU A 89 -0.78 -8.20 16.90
C GLU A 89 -0.52 -9.71 17.01
N LEU A 90 -0.37 -10.41 15.89
CA LEU A 90 -0.04 -11.84 15.89
C LEU A 90 1.31 -12.02 16.54
N VAL A 91 2.29 -11.19 16.15
CA VAL A 91 3.62 -11.33 16.72
C VAL A 91 3.60 -11.16 18.25
N GLN A 92 2.87 -10.16 18.72
CA GLN A 92 2.76 -9.94 20.14
C GLN A 92 2.04 -11.08 20.84
N ASP A 93 1.00 -11.62 20.20
CA ASP A 93 0.28 -12.77 20.76
C ASP A 93 1.20 -13.97 20.91
N LEU A 94 2.03 -14.22 19.90
CA LEU A 94 3.00 -15.29 19.95
C LEU A 94 4.01 -15.08 21.06
N LYS A 95 4.49 -13.86 21.23
CA LYS A 95 5.46 -13.57 22.27
C LYS A 95 4.83 -13.81 23.62
N ASN A 96 3.56 -13.45 23.71
CA ASN A 96 2.81 -13.63 24.97
C ASN A 96 2.64 -15.08 25.35
N LYS A 97 2.57 -15.94 24.34
CA LYS A 97 2.46 -17.38 24.54
C LYS A 97 3.80 -18.08 24.68
N GLY A 98 4.88 -17.31 24.78
CA GLY A 98 6.21 -17.83 25.06
C GLY A 98 7.14 -18.14 23.90
N PHE A 99 6.75 -17.75 22.69
CA PHE A 99 7.59 -18.02 21.52
C PHE A 99 8.60 -16.92 21.37
N GLU A 100 9.83 -17.30 21.08
CA GLU A 100 10.88 -16.38 20.60
C GLU A 100 10.70 -16.24 19.09
N ILE A 101 10.81 -15.01 18.59
CA ILE A 101 10.51 -14.68 17.18
C ILE A 101 11.82 -14.31 16.48
N TRP A 102 12.03 -14.94 15.34
CA TRP A 102 13.20 -14.76 14.52
C TRP A 102 12.75 -14.45 13.11
N ILE A 103 13.64 -13.80 12.34
CA ILE A 103 13.47 -13.60 10.92
C ILE A 103 14.68 -14.19 10.22
N PHE A 104 14.44 -15.19 9.39
CA PHE A 104 15.46 -15.70 8.49
C PHE A 104 14.98 -15.42 7.09
N SER A 105 15.77 -14.69 6.33
CA SER A 105 15.30 -14.13 5.06
C SER A 105 16.42 -14.05 4.05
N GLY A 106 16.02 -14.12 2.78
CA GLY A 106 16.86 -13.79 1.66
C GLY A 106 16.73 -12.33 1.21
N GLY A 107 15.94 -11.55 1.93
CA GLY A 107 15.90 -10.09 1.75
C GLY A 107 17.10 -9.45 2.42
N LEU A 108 17.26 -8.17 2.14
CA LEU A 108 18.39 -7.41 2.72
C LEU A 108 18.11 -7.04 4.19
N SER A 109 19.04 -7.43 5.03
CA SER A 109 18.93 -7.20 6.44
C SER A 109 18.64 -5.74 6.77
N GLU A 110 19.30 -4.81 6.08
CA GLU A 110 19.11 -3.37 6.36
C GLU A 110 17.70 -2.90 6.05
N SER A 111 17.02 -3.59 5.12
CA SER A 111 15.65 -3.27 4.74
C SER A 111 14.64 -3.81 5.72
N ILE A 112 15.06 -4.84 6.45
CA ILE A 112 14.20 -5.51 7.40
C ILE A 112 14.19 -4.84 8.77
N GLN A 113 15.32 -4.29 9.16
CA GLN A 113 15.48 -3.74 10.50
C GLN A 113 14.36 -2.79 11.00
N PRO A 114 13.94 -1.80 10.19
CA PRO A 114 12.86 -0.91 10.64
C PRO A 114 11.56 -1.63 10.88
N PHE A 115 11.29 -2.64 10.04
CA PHE A 115 10.07 -3.43 10.22
C PHE A 115 10.16 -4.24 11.53
N ALA A 116 11.32 -4.89 11.77
CA ALA A 116 11.54 -5.69 12.99
C ALA A 116 11.39 -4.81 14.20
N ASP A 117 11.96 -3.59 14.14
CA ASP A 117 11.77 -2.65 15.22
C ASP A 117 10.27 -2.39 15.50
N TYR A 118 9.52 -2.09 14.45
CA TYR A 118 8.09 -1.83 14.58
C TYR A 118 7.33 -3.02 15.17
N LEU A 119 7.74 -4.21 14.79
CA LEU A 119 7.11 -5.41 15.27
C LEU A 119 7.62 -5.90 16.63
N ASN A 120 8.61 -5.23 17.20
CA ASN A 120 9.22 -5.67 18.44
C ASN A 120 9.92 -7.01 18.35
N ILE A 121 10.53 -7.24 17.20
CA ILE A 121 11.37 -8.42 17.00
C ILE A 121 12.81 -7.96 17.21
N PRO A 122 13.54 -8.62 18.12
CA PRO A 122 14.92 -8.17 18.35
C PRO A 122 15.79 -8.16 17.11
N ARG A 123 16.63 -7.14 17.02
CA ARG A 123 17.55 -7.03 15.89
C ARG A 123 18.53 -8.17 15.82
N GLU A 124 18.91 -8.71 16.96
CA GLU A 124 19.86 -9.85 17.02
C GLU A 124 19.22 -11.18 16.55
N ASN A 125 17.92 -11.14 16.25
CA ASN A 125 17.18 -12.34 15.82
C ASN A 125 16.92 -12.32 14.32
N ILE A 126 17.58 -11.39 13.62
CA ILE A 126 17.41 -11.23 12.18
C ILE A 126 18.68 -11.80 11.49
N PHE A 127 18.47 -12.83 10.68
CA PHE A 127 19.52 -13.51 9.90
C PHE A 127 19.13 -13.42 8.43
N ALA A 128 19.65 -12.39 7.81
CA ALA A 128 19.31 -12.02 6.46
C ALA A 128 20.54 -11.50 5.70
N VAL A 129 20.31 -11.10 4.46
CA VAL A 129 21.43 -10.77 3.57
C VAL A 129 22.08 -9.46 3.97
N GLU A 130 23.35 -9.54 4.36
CA GLU A 130 24.14 -8.37 4.76
C GLU A 130 24.95 -7.82 3.62
N THR A 131 25.02 -6.49 3.61
CA THR A 131 25.53 -5.71 2.48
C THR A 131 26.63 -4.79 2.97
N ILE A 132 27.60 -4.59 2.12
CA ILE A 132 28.68 -3.58 2.37
C ILE A 132 28.54 -2.51 1.29
N TRP A 133 28.49 -1.26 1.71
CA TRP A 133 28.41 -0.12 0.78
C TRP A 133 29.75 0.58 0.65
N ASN A 134 30.01 1.10 -0.54
CA ASN A 134 31.11 1.99 -0.75
C ASN A 134 30.82 3.34 -0.07
N SER A 135 31.84 4.19 0.08
CA SER A 135 31.63 5.47 0.75
C SER A 135 30.63 6.37 0.03
N ASP A 136 30.41 6.14 -1.26
CA ASP A 136 29.38 6.91 -2.00
C ASP A 136 27.98 6.29 -1.98
N GLY A 137 27.79 5.23 -1.19
CA GLY A 137 26.50 4.57 -1.04
C GLY A 137 26.22 3.48 -2.05
N SER A 138 27.07 3.33 -3.08
CA SER A 138 26.89 2.27 -4.05
C SER A 138 27.22 0.91 -3.45
N PHE A 139 26.64 -0.13 -4.02
CA PHE A 139 26.91 -1.52 -3.61
C PHE A 139 28.38 -1.88 -3.78
N LYS A 140 29.02 -2.34 -2.70
CA LYS A 140 30.35 -2.89 -2.80
C LYS A 140 30.29 -4.43 -2.93
N GLU A 141 29.72 -5.09 -1.94
CA GLU A 141 29.74 -6.58 -1.93
C GLU A 141 28.77 -7.08 -0.85
N LEU A 142 28.38 -8.33 -1.00
CA LEU A 142 27.71 -9.00 0.10
C LEU A 142 28.68 -9.45 1.19
N ASP A 143 28.20 -9.50 2.42
CA ASP A 143 28.98 -10.04 3.51
C ASP A 143 28.28 -11.32 3.95
N ASN A 144 28.81 -12.49 3.53
CA ASN A 144 28.14 -13.74 3.82
C ASN A 144 28.65 -14.40 5.09
N SER A 145 29.13 -13.61 6.07
CA SER A 145 29.59 -14.17 7.34
C SER A 145 28.50 -15.01 8.01
N ASN A 146 27.26 -14.58 7.84
CA ASN A 146 26.12 -15.28 8.45
C ASN A 146 25.49 -16.39 7.62
N GLY A 147 25.99 -16.60 6.40
CA GLY A 147 25.45 -17.65 5.60
C GLY A 147 24.22 -17.37 4.79
N ALA A 148 23.61 -16.22 5.04
CA ALA A 148 22.29 -15.91 4.48
C ALA A 148 22.36 -15.72 2.92
N CYS A 149 23.54 -15.44 2.38
CA CYS A 149 23.65 -15.28 0.95
C CYS A 149 23.59 -16.61 0.22
N ASP A 150 23.83 -17.69 0.95
CA ASP A 150 23.68 -19.04 0.40
C ASP A 150 22.27 -19.58 0.58
N SER A 151 21.75 -19.51 1.81
CA SER A 151 20.43 -20.06 2.09
C SER A 151 20.06 -19.81 3.53
N LYS A 152 18.77 -20.00 3.84
CA LYS A 152 18.34 -20.02 5.24
C LYS A 152 18.93 -21.20 6.00
N LEU A 153 19.15 -22.31 5.31
CA LEU A 153 19.77 -23.49 5.92
C LEU A 153 21.16 -23.17 6.44
N SER A 154 21.97 -22.48 5.65
CA SER A 154 23.31 -22.17 6.07
C SER A 154 23.25 -21.19 7.24
N ALA A 155 22.36 -20.22 7.17
CA ALA A 155 22.24 -19.25 8.23
C ALA A 155 21.79 -19.91 9.53
N PHE A 156 20.86 -20.84 9.41
CA PHE A 156 20.35 -21.54 10.59
C PHE A 156 21.47 -22.35 11.23
N ASP A 157 22.23 -23.04 10.40
CA ASP A 157 23.36 -23.87 10.88
C ASP A 157 24.35 -23.06 11.66
N LYS A 158 24.64 -21.85 11.19
CA LYS A 158 25.56 -20.97 11.86
C LYS A 158 24.99 -20.41 13.15
N ALA A 159 23.66 -20.23 13.21
CA ALA A 159 22.98 -19.59 14.35
C ALA A 159 22.41 -20.58 15.37
N LYS A 160 22.45 -21.88 15.06
CA LYS A 160 21.64 -22.87 15.80
C LYS A 160 22.00 -23.00 17.25
N GLY A 161 23.20 -22.57 17.65
CA GLY A 161 23.53 -22.55 19.07
C GLY A 161 22.69 -21.57 19.88
N LEU A 162 22.05 -20.63 19.20
CA LEU A 162 21.20 -19.62 19.83
C LEU A 162 19.74 -20.07 19.93
N ILE A 163 19.39 -21.19 19.27
CA ILE A 163 18.00 -21.63 19.11
C ILE A 163 17.81 -22.97 19.80
N ASP A 164 17.00 -22.97 20.84
CA ASP A 164 16.71 -24.18 21.60
C ASP A 164 15.24 -24.51 21.46
N GLY A 165 14.94 -25.81 21.29
CA GLY A 165 13.55 -26.31 21.34
C GLY A 165 12.83 -26.30 20.00
N GLU A 166 11.51 -26.34 20.04
CA GLU A 166 10.72 -26.44 18.84
C GLU A 166 10.87 -25.18 17.98
N VAL A 167 10.87 -25.40 16.66
CA VAL A 167 10.97 -24.31 15.69
C VAL A 167 9.86 -24.48 14.65
N ILE A 168 8.99 -23.50 14.54
CA ILE A 168 7.98 -23.43 13.49
C ILE A 168 8.43 -22.41 12.44
N ALA A 169 8.61 -22.85 11.20
CA ALA A 169 9.01 -21.97 10.12
C ALA A 169 7.76 -21.56 9.37
N ILE A 170 7.63 -20.26 9.11
CA ILE A 170 6.44 -19.70 8.44
C ILE A 170 6.94 -18.91 7.25
N GLY A 171 6.44 -19.23 6.06
CA GLY A 171 6.84 -18.47 4.89
C GLY A 171 6.21 -19.03 3.62
N ASP A 172 6.41 -18.30 2.52
CA ASP A 172 5.73 -18.59 1.24
C ASP A 172 6.64 -19.38 0.32
N GLY A 173 7.91 -19.57 0.69
CA GLY A 173 8.87 -20.09 -0.28
C GLY A 173 9.46 -21.45 -0.01
N TYR A 174 10.10 -21.99 -1.04
CA TYR A 174 10.76 -23.26 -0.95
C TYR A 174 11.89 -23.24 0.05
N THR A 175 12.52 -22.08 0.22
CA THR A 175 13.61 -21.96 1.19
C THR A 175 13.13 -22.09 2.63
N ASP A 176 11.86 -21.73 2.87
CA ASP A 176 11.22 -21.91 4.17
C ASP A 176 10.92 -23.40 4.38
N TYR A 177 10.33 -24.02 3.38
CA TYR A 177 10.11 -25.47 3.40
C TYR A 177 11.40 -26.26 3.70
N GLN A 178 12.51 -25.85 3.09
CA GLN A 178 13.77 -26.52 3.32
C GLN A 178 14.19 -26.60 4.77
N LEU A 179 13.90 -25.57 5.57
CA LEU A 179 14.17 -25.65 7.02
C LEU A 179 13.51 -26.87 7.69
N TYR A 180 12.28 -27.17 7.31
CA TYR A 180 11.61 -28.38 7.75
C TYR A 180 12.20 -29.66 7.17
N GLU A 181 12.42 -29.67 5.85
CA GLU A 181 12.94 -30.85 5.17
C GLU A 181 14.24 -31.33 5.83
N LYS A 182 15.09 -30.39 6.20
CA LYS A 182 16.38 -30.67 6.76
C LYS A 182 16.34 -30.98 8.24
N GLY A 183 15.20 -30.71 8.88
CA GLY A 183 14.99 -30.96 10.29
C GLY A 183 15.33 -29.85 11.25
N TYR A 184 15.60 -28.66 10.72
CA TYR A 184 15.88 -27.51 11.56
C TYR A 184 14.60 -26.98 12.16
N ALA A 185 13.52 -27.03 11.38
CA ALA A 185 12.18 -26.73 11.85
C ALA A 185 11.44 -28.02 12.06
N THR A 186 10.69 -28.04 13.14
CA THR A 186 9.83 -29.16 13.48
C THR A 186 8.48 -29.10 12.73
N LYS A 187 8.13 -27.91 12.21
CA LYS A 187 6.91 -27.70 11.45
C LYS A 187 7.14 -26.55 10.46
N PHE A 188 6.56 -26.69 9.28
CA PHE A 188 6.51 -25.63 8.27
C PHE A 188 5.05 -25.31 8.00
N ILE A 189 4.71 -24.02 8.09
CA ILE A 189 3.41 -23.54 7.67
C ILE A 189 3.58 -22.66 6.47
N ALA A 190 2.98 -23.07 5.35
CA ALA A 190 3.07 -22.30 4.13
C ALA A 190 2.13 -21.12 4.23
N TYR A 191 2.67 -19.94 4.03
CA TYR A 191 1.97 -18.72 4.20
C TYR A 191 1.66 -18.10 2.84
N GLU A 193 -1.07 -15.89 1.93
CA GLU A 193 -1.97 -14.74 1.83
C GLU A 193 -1.74 -13.94 0.54
N HIS A 194 -0.46 -13.74 0.21
CA HIS A 194 -0.05 -12.76 -0.80
C HIS A 194 0.29 -13.37 -2.12
N ILE A 195 0.56 -14.67 -2.14
CA ILE A 195 0.94 -15.36 -3.35
C ILE A 195 0.57 -16.81 -3.14
N GLU A 196 0.26 -17.50 -4.24
CA GLU A 196 -0.08 -18.92 -4.21
C GLU A 196 1.00 -19.67 -4.96
N ARG A 197 1.91 -20.28 -4.25
CA ARG A 197 3.01 -21.00 -4.86
C ARG A 197 2.67 -22.50 -4.83
N GLU A 198 2.15 -23.00 -5.95
CA GLU A 198 1.62 -24.35 -5.98
C GLU A 198 2.68 -25.38 -5.57
N LYS A 199 3.92 -25.24 -6.05
CA LYS A 199 4.98 -26.22 -5.70
C LYS A 199 5.17 -26.29 -4.19
N VAL A 200 5.15 -25.15 -3.52
CA VAL A 200 5.41 -25.12 -2.09
C VAL A 200 4.16 -25.61 -1.30
N ILE A 201 2.98 -25.18 -1.73
CA ILE A 201 1.71 -25.64 -1.15
C ILE A 201 1.67 -27.17 -1.20
N ASN A 202 2.05 -27.73 -2.33
CA ASN A 202 2.01 -29.20 -2.51
C ASN A 202 2.96 -29.96 -1.57
N LEU A 203 4.03 -29.32 -1.13
CA LEU A 203 5.00 -29.92 -0.22
C LEU A 203 4.54 -29.79 1.23
N SER A 204 3.64 -28.86 1.49
CA SER A 204 3.24 -28.50 2.86
CA SER A 204 3.24 -28.50 2.86
C SER A 204 2.03 -29.24 3.39
N LYS A 205 2.04 -29.55 4.67
CA LYS A 205 0.89 -30.15 5.31
C LYS A 205 -0.03 -29.07 5.90
N TYR A 206 0.52 -27.89 6.13
CA TYR A 206 -0.19 -26.79 6.78
C TYR A 206 -0.11 -25.55 5.89
N VAL A 207 -1.25 -24.90 5.61
CA VAL A 207 -1.29 -23.69 4.78
C VAL A 207 -2.20 -22.65 5.44
N ALA A 208 -1.70 -21.46 5.58
CA ALA A 208 -2.47 -20.33 6.11
C ALA A 208 -2.52 -19.20 5.09
N ARG A 209 -3.68 -18.55 4.97
CA ARG A 209 -3.83 -17.43 4.04
C ARG A 209 -4.20 -16.08 4.66
N ASN A 210 -4.08 -16.00 5.99
CA ASN A 210 -4.20 -14.76 6.73
C ASN A 210 -3.73 -15.01 8.16
N VAL A 211 -3.62 -13.95 8.96
CA VAL A 211 -3.04 -14.13 10.29
C VAL A 211 -3.97 -14.91 11.26
N ALA A 212 -5.27 -14.88 11.04
CA ALA A 212 -6.19 -15.67 11.86
C ALA A 212 -5.94 -17.15 11.63
N GLU A 213 -5.88 -17.54 10.35
CA GLU A 213 -5.57 -18.94 9.98
C GLU A 213 -4.22 -19.39 10.53
N LEU A 214 -3.23 -18.51 10.46
CA LEU A 214 -1.94 -18.79 11.01
C LEU A 214 -2.00 -19.01 12.53
N ALA A 215 -2.65 -18.10 13.24
CA ALA A 215 -2.83 -18.26 14.66
C ALA A 215 -3.54 -19.56 15.00
N SER A 216 -4.53 -19.93 14.20
CA SER A 216 -5.33 -21.12 14.45
CA SER A 216 -5.33 -21.12 14.47
C SER A 216 -4.46 -22.40 14.38
N LEU A 217 -3.38 -22.36 13.62
CA LEU A 217 -2.49 -23.50 13.46
C LEU A 217 -1.40 -23.62 14.53
N ILE A 218 -1.19 -22.52 15.26
CA ILE A 218 -0.09 -22.43 16.22
C ILE A 218 -0.52 -22.42 17.70
N LYS B 5 -1.67 7.21 13.46
CA LYS B 5 -2.64 6.56 12.61
C LYS B 5 -3.45 7.63 11.85
N ASN B 6 -3.85 7.27 10.64
CA ASN B 6 -4.36 8.19 9.66
C ASN B 6 -5.45 7.53 8.83
N ILE B 7 -6.46 8.33 8.51
CA ILE B 7 -7.52 7.94 7.60
C ILE B 7 -7.48 8.88 6.42
N ILE B 8 -7.42 8.30 5.22
CA ILE B 8 -7.50 9.07 3.98
C ILE B 8 -8.89 8.79 3.39
N PHE B 9 -9.68 9.84 3.21
CA PHE B 9 -10.96 9.80 2.50
C PHE B 9 -10.81 10.38 1.12
N ASP B 10 -11.53 9.82 0.17
CA ASP B 10 -11.87 10.56 -1.02
C ASP B 10 -13.06 11.46 -0.69
N PHE B 11 -13.27 12.44 -1.53
CA PHE B 11 -14.41 13.37 -1.41
C PHE B 11 -15.59 12.83 -2.21
N ASP B 12 -15.47 12.86 -3.54
CA ASP B 12 -16.50 12.43 -4.49
C ASP B 12 -16.98 11.00 -4.21
N SER B 13 -18.30 10.88 -4.06
CA SER B 13 -19.01 9.62 -3.80
C SER B 13 -18.59 8.89 -2.52
N THR B 14 -17.88 9.59 -1.63
CA THR B 14 -17.39 9.02 -0.37
C THR B 14 -17.82 9.94 0.76
N LEU B 15 -17.18 11.09 0.92
CA LEU B 15 -17.62 12.07 1.90
C LEU B 15 -18.92 12.71 1.46
N ILE B 16 -19.10 12.93 0.15
CA ILE B 16 -20.35 13.47 -0.38
C ILE B 16 -21.04 12.38 -1.19
N LYS B 17 -22.33 12.57 -1.45
CA LYS B 17 -23.15 11.49 -2.01
C LYS B 17 -23.03 11.34 -3.51
N LYS B 18 -22.42 12.33 -4.16
CA LYS B 18 -22.41 12.44 -5.63
C LYS B 18 -21.00 12.87 -6.09
N GLU B 19 -20.83 12.91 -7.40
CA GLU B 19 -19.62 13.41 -8.02
C GLU B 19 -19.68 14.95 -8.22
N SER B 20 -18.74 15.66 -7.60
CA SER B 20 -18.81 17.12 -7.54
C SER B 20 -18.65 17.77 -8.91
N LEU B 21 -17.76 17.25 -9.75
CA LEU B 21 -17.53 17.93 -11.04
C LEU B 21 -18.84 17.97 -11.83
N GLU B 22 -19.54 16.85 -11.87
CA GLU B 22 -20.84 16.80 -12.55
C GLU B 22 -21.85 17.79 -11.98
N LEU B 23 -21.92 17.92 -10.65
CA LEU B 23 -22.79 18.90 -10.07
C LEU B 23 -22.32 20.34 -10.31
N ILE B 24 -21.02 20.58 -10.34
CA ILE B 24 -20.46 21.93 -10.61
C ILE B 24 -20.85 22.36 -12.01
N LEU B 25 -20.73 21.43 -12.95
CA LEU B 25 -21.00 21.73 -14.35
C LEU B 25 -22.47 21.73 -14.76
N GLU B 26 -23.35 21.09 -14.01
CA GLU B 26 -24.73 20.95 -14.42
C GLU B 26 -25.34 22.29 -14.81
N PRO B 27 -25.16 23.33 -14.02
CA PRO B 27 -25.82 24.60 -14.31
C PRO B 27 -25.28 25.29 -15.51
N ILE B 28 -24.14 24.84 -16.01
CA ILE B 28 -23.31 25.40 -17.05
C ILE B 28 -23.56 24.67 -18.36
N LEU B 29 -24.19 23.51 -18.29
CA LEU B 29 -24.38 22.61 -19.41
C LEU B 29 -25.87 22.28 -19.60
N GLN B 30 -26.70 23.24 -19.24
CA GLN B 30 -28.15 23.05 -19.35
C GLN B 30 -28.56 22.80 -20.80
N LYS B 31 -27.79 23.32 -21.76
CA LYS B 31 -28.09 23.10 -23.17
C LYS B 31 -27.35 21.91 -23.77
N SER B 32 -26.53 21.22 -22.96
CA SER B 32 -25.74 20.10 -23.47
C SER B 32 -25.84 18.88 -22.54
N PRO B 33 -27.04 18.33 -22.32
CA PRO B 33 -27.15 17.15 -21.47
C PRO B 33 -26.24 15.99 -21.87
N ALA B 34 -25.99 15.80 -23.16
CA ALA B 34 -25.14 14.71 -23.63
C ALA B 34 -23.70 14.86 -23.11
N LYS B 35 -23.24 16.11 -22.95
CA LYS B 35 -21.87 16.34 -22.41
C LYS B 35 -21.79 15.89 -20.96
N LEU B 36 -22.84 16.15 -20.20
CA LEU B 36 -22.87 15.71 -18.81
C LEU B 36 -22.82 14.20 -18.69
N LYS B 37 -23.61 13.52 -19.53
CA LYS B 37 -23.59 12.04 -19.59
C LYS B 37 -22.22 11.50 -19.97
N GLU B 38 -21.58 12.17 -20.92
CA GLU B 38 -20.22 11.77 -21.37
C GLU B 38 -19.23 11.92 -20.21
N ILE B 39 -19.30 13.04 -19.52
CA ILE B 39 -18.43 13.26 -18.37
C ILE B 39 -18.59 12.17 -17.28
N GLU B 40 -19.85 11.78 -17.01
CA GLU B 40 -20.15 10.74 -16.04
C GLU B 40 -19.50 9.41 -16.48
N TYR B 41 -19.63 9.09 -17.76
CA TYR B 41 -19.05 7.88 -18.32
C TYR B 41 -17.52 7.87 -18.15
N ILE B 42 -16.86 8.98 -18.49
CA ILE B 42 -15.43 9.04 -18.35
C ILE B 42 -15.03 8.95 -16.88
N THR B 43 -15.77 9.62 -15.99
CA THR B 43 -15.50 9.48 -14.56
C THR B 43 -15.49 8.02 -14.20
N ASN B 44 -16.51 7.32 -14.60
CA ASN B 44 -16.60 5.92 -14.26
C ASN B 44 -15.48 5.05 -14.84
N LEU B 45 -15.08 5.31 -16.08
CA LEU B 45 -13.92 4.62 -16.65
C LEU B 45 -12.68 4.81 -15.78
N GLY B 46 -12.40 6.02 -15.31
CA GLY B 46 -11.23 6.21 -14.47
C GLY B 46 -11.37 5.54 -13.11
N GLN B 48 -13.00 2.89 -12.36
CA GLN B 48 -12.87 1.44 -12.55
C GLN B 48 -11.47 0.98 -12.90
N GLY B 49 -10.55 1.92 -13.11
CA GLY B 49 -9.18 1.61 -13.57
C GLY B 49 -9.05 1.27 -15.02
N ASP B 50 -10.07 1.60 -15.82
CA ASP B 50 -10.00 1.30 -17.27
C ASP B 50 -9.14 2.28 -18.07
N ILE B 51 -9.04 3.50 -17.58
CA ILE B 51 -8.14 4.50 -18.14
C ILE B 51 -7.46 5.19 -16.97
N SER B 52 -6.36 5.86 -17.28
CA SER B 52 -5.61 6.55 -16.22
C SER B 52 -6.41 7.70 -15.67
N PHE B 53 -6.12 8.06 -14.42
CA PHE B 53 -6.78 9.23 -13.85
C PHE B 53 -6.46 10.51 -14.60
N ARG B 54 -5.20 10.67 -15.04
CA ARG B 54 -4.84 11.86 -15.78
C ARG B 54 -5.63 11.93 -17.09
N ASP B 55 -5.78 10.81 -17.80
CA ASP B 55 -6.55 10.83 -19.07
C ASP B 55 -8.02 11.15 -18.80
N SER B 56 -8.56 10.61 -17.71
CA SER B 56 -9.93 10.94 -17.30
C SER B 56 -10.12 12.42 -17.05
N LEU B 57 -9.26 12.98 -16.24
CA LEU B 57 -9.38 14.37 -15.86
C LEU B 57 -9.26 15.28 -17.07
N GLN B 58 -8.24 15.03 -17.88
CA GLN B 58 -8.01 15.86 -19.06
C GLN B 58 -9.17 15.76 -20.02
N LYS B 59 -9.70 14.55 -20.23
CA LYS B 59 -10.83 14.45 -21.15
C LYS B 59 -12.09 15.17 -20.64
N ARG B 60 -12.40 15.03 -19.36
CA ARG B 60 -13.57 15.68 -18.81
C ARG B 60 -13.45 17.19 -18.92
N LEU B 61 -12.27 17.75 -18.59
CA LEU B 61 -12.08 19.19 -18.72
C LEU B 61 -12.15 19.67 -20.16
N ALA B 62 -11.71 18.84 -21.09
CA ALA B 62 -11.84 19.11 -22.52
C ALA B 62 -13.29 19.14 -22.96
N ILE B 63 -14.12 18.27 -22.41
CA ILE B 63 -15.55 18.34 -22.68
C ILE B 63 -16.16 19.64 -22.19
N ALA B 64 -15.87 19.95 -20.93
CA ALA B 64 -16.37 21.20 -20.30
C ALA B 64 -15.52 21.51 -19.06
N SER B 65 -15.03 22.73 -18.99
CA SER B 65 -14.27 23.16 -17.85
CA SER B 65 -14.26 23.13 -17.83
C SER B 65 -15.11 24.07 -16.97
N PRO B 66 -14.95 23.96 -15.65
CA PRO B 66 -15.68 24.81 -14.77
C PRO B 66 -15.13 26.22 -14.76
N THR B 67 -15.88 27.09 -14.09
CA THR B 67 -15.46 28.44 -13.79
C THR B 67 -15.23 28.59 -12.30
N LYS B 68 -14.51 29.60 -11.91
CA LYS B 68 -14.35 29.89 -10.51
C LYS B 68 -15.72 30.09 -9.82
N GLN B 69 -16.60 30.85 -10.47
CA GLN B 69 -17.92 31.14 -9.97
CA GLN B 69 -17.89 31.11 -9.86
C GLN B 69 -18.77 29.85 -9.82
N SER B 70 -18.62 28.93 -10.77
CA SER B 70 -19.41 27.68 -10.72
C SER B 70 -19.06 26.84 -9.47
N ILE B 71 -17.81 26.93 -9.00
CA ILE B 71 -17.40 26.17 -7.86
C ILE B 71 -18.04 26.80 -6.63
N LYS B 72 -18.01 28.14 -6.55
CA LYS B 72 -18.66 28.80 -5.42
C LYS B 72 -20.15 28.51 -5.36
N GLU B 73 -20.80 28.49 -6.51
CA GLU B 73 -22.24 28.19 -6.55
C GLU B 73 -22.51 26.77 -6.06
N PHE B 74 -21.66 25.82 -6.45
CA PHE B 74 -21.75 24.46 -5.98
C PHE B 74 -21.65 24.38 -4.46
N SER B 75 -20.61 24.96 -3.86
CA SER B 75 -20.46 24.79 -2.41
C SER B 75 -21.54 25.57 -1.63
N ASN B 76 -21.98 26.70 -2.13
CA ASN B 76 -23.09 27.44 -1.51
C ASN B 76 -24.36 26.60 -1.50
N LYS B 77 -24.61 25.87 -2.59
CA LYS B 77 -25.84 25.08 -2.69
C LYS B 77 -25.71 23.79 -1.89
N TYR B 78 -24.57 23.12 -2.01
CA TYR B 78 -24.47 21.73 -1.55
C TYR B 78 -23.74 21.48 -0.21
N CYS B 79 -23.09 22.49 0.34
CA CYS B 79 -22.42 22.32 1.62
C CYS B 79 -23.36 22.87 2.68
N PRO B 80 -23.74 22.05 3.68
CA PRO B 80 -23.34 20.67 4.02
C PRO B 80 -24.30 19.54 3.59
N ASN B 81 -25.42 19.86 2.95
CA ASN B 81 -26.46 18.89 2.75
C ASN B 81 -26.05 17.68 1.88
N LEU B 82 -25.07 17.86 1.02
CA LEU B 82 -24.60 16.77 0.13
C LEU B 82 -23.71 15.75 0.85
N LEU B 83 -23.32 16.06 2.09
CA LEU B 83 -22.47 15.10 2.82
C LEU B 83 -23.24 13.77 3.05
N THR B 84 -22.50 12.67 3.01
CA THR B 84 -22.99 11.33 3.33
C THR B 84 -23.61 11.31 4.73
N ASP B 85 -24.76 10.65 4.84
CA ASP B 85 -25.48 10.58 6.14
C ASP B 85 -24.52 10.04 7.18
N GLY B 86 -24.42 10.76 8.28
CA GLY B 86 -23.60 10.33 9.40
C GLY B 86 -22.11 10.55 9.32
N ILE B 87 -21.62 11.13 8.24
CA ILE B 87 -20.17 11.22 8.06
C ILE B 87 -19.55 12.23 9.01
N LYS B 88 -20.27 13.30 9.34
CA LYS B 88 -19.69 14.29 10.27
C LYS B 88 -19.37 13.66 11.63
N GLU B 89 -20.33 12.89 12.17
CA GLU B 89 -20.14 12.18 13.43
C GLU B 89 -19.05 11.12 13.34
N LEU B 90 -18.98 10.40 12.21
CA LEU B 90 -17.87 9.42 12.06
C LEU B 90 -16.50 10.10 12.09
N VAL B 91 -16.36 11.20 11.32
CA VAL B 91 -15.08 11.92 11.32
C VAL B 91 -14.70 12.38 12.72
N GLN B 92 -15.67 12.92 13.48
CA GLN B 92 -15.36 13.34 14.86
C GLN B 92 -14.98 12.16 15.73
N ASP B 93 -15.71 11.05 15.57
CA ASP B 93 -15.43 9.83 16.32
C ASP B 93 -14.00 9.33 16.02
N LEU B 94 -13.59 9.37 14.76
CA LEU B 94 -12.23 8.95 14.38
C LEU B 94 -11.18 9.86 15.00
N LYS B 95 -11.43 11.16 14.98
CA LYS B 95 -10.49 12.10 15.55
C LYS B 95 -10.38 11.87 17.05
N ASN B 96 -11.52 11.57 17.68
CA ASN B 96 -11.55 11.27 19.11
C ASN B 96 -10.75 9.99 19.43
N LYS B 97 -10.67 9.04 18.51
CA LYS B 97 -9.88 7.84 18.73
C LYS B 97 -8.40 8.03 18.38
N GLY B 98 -8.02 9.24 17.96
CA GLY B 98 -6.65 9.58 17.64
C GLY B 98 -6.19 9.54 16.18
N PHE B 99 -7.12 9.37 15.24
CA PHE B 99 -6.77 9.35 13.82
C PHE B 99 -6.63 10.78 13.30
N GLU B 100 -5.56 11.04 12.57
CA GLU B 100 -5.46 12.21 11.72
C GLU B 100 -6.22 11.95 10.44
N ILE B 101 -7.00 12.93 10.00
CA ILE B 101 -7.87 12.77 8.85
C ILE B 101 -7.39 13.62 7.69
N TRP B 102 -7.37 13.01 6.50
CA TRP B 102 -6.83 13.60 5.29
C TRP B 102 -7.83 13.38 4.16
N ILE B 103 -7.81 14.28 3.17
CA ILE B 103 -8.58 14.10 1.95
C ILE B 103 -7.61 14.12 0.78
N PHE B 104 -7.53 13.01 0.07
CA PHE B 104 -6.83 12.92 -1.18
C PHE B 104 -7.89 12.68 -2.22
N SER B 105 -8.02 13.57 -3.19
CA SER B 105 -9.14 13.52 -4.10
C SER B 105 -8.73 13.89 -5.55
N GLY B 106 -9.47 13.34 -6.49
CA GLY B 106 -9.43 13.75 -7.87
C GLY B 106 -10.41 14.87 -8.16
N GLY B 107 -11.13 15.30 -7.12
CA GLY B 107 -12.00 16.48 -7.29
C GLY B 107 -11.23 17.79 -7.13
N LEU B 108 -11.93 18.91 -7.35
CA LEU B 108 -11.27 20.20 -7.34
C LEU B 108 -11.11 20.70 -5.91
N SER B 109 -9.86 20.99 -5.54
CA SER B 109 -9.54 21.45 -4.21
C SER B 109 -10.45 22.57 -3.72
N GLU B 110 -10.74 23.53 -4.59
CA GLU B 110 -11.53 24.67 -4.21
C GLU B 110 -12.96 24.29 -3.86
N SER B 111 -13.46 23.20 -4.43
CA SER B 111 -14.79 22.73 -4.16
C SER B 111 -14.86 21.99 -2.83
N ILE B 112 -13.72 21.48 -2.38
CA ILE B 112 -13.67 20.67 -1.17
C ILE B 112 -13.60 21.46 0.11
N GLN B 113 -12.91 22.60 0.05
CA GLN B 113 -12.55 23.34 1.25
C GLN B 113 -13.72 23.60 2.18
N PRO B 114 -14.86 24.03 1.65
CA PRO B 114 -15.96 24.34 2.58
C PRO B 114 -16.48 23.11 3.31
N PHE B 115 -16.42 21.96 2.65
CA PHE B 115 -16.88 20.72 3.25
C PHE B 115 -15.87 20.26 4.30
N ALA B 116 -14.59 20.40 4.01
CA ALA B 116 -13.57 20.09 5.00
C ALA B 116 -13.73 20.96 6.23
N ASP B 117 -13.93 22.26 6.03
CA ASP B 117 -14.18 23.15 7.16
C ASP B 117 -15.32 22.66 8.01
N TYR B 118 -16.43 22.32 7.38
CA TYR B 118 -17.61 21.84 8.10
C TYR B 118 -17.30 20.56 8.88
N LEU B 119 -16.48 19.69 8.30
CA LEU B 119 -16.13 18.41 8.93
C LEU B 119 -14.97 18.54 9.93
N ASN B 120 -14.42 19.75 10.08
CA ASN B 120 -13.23 20.00 10.89
C ASN B 120 -12.05 19.15 10.46
N ILE B 121 -11.91 18.99 9.14
CA ILE B 121 -10.71 18.46 8.55
C ILE B 121 -9.81 19.61 8.16
N PRO B 122 -8.57 19.58 8.62
CA PRO B 122 -7.71 20.73 8.37
C PRO B 122 -7.51 21.00 6.89
N ARG B 123 -7.48 22.27 6.53
CA ARG B 123 -7.28 22.63 5.15
C ARG B 123 -5.97 22.14 4.61
N GLU B 124 -4.97 22.07 5.48
CA GLU B 124 -3.64 21.65 5.06
C GLU B 124 -3.55 20.14 4.81
N ASN B 125 -4.60 19.41 5.17
CA ASN B 125 -4.65 17.97 4.96
C ASN B 125 -5.42 17.59 3.70
N ILE B 126 -5.70 18.57 2.82
CA ILE B 126 -6.49 18.36 1.59
C ILE B 126 -5.48 18.39 0.42
N PHE B 127 -5.38 17.26 -0.29
CA PHE B 127 -4.47 17.12 -1.46
C PHE B 127 -5.34 16.70 -2.65
N ALA B 128 -5.69 17.70 -3.44
CA ALA B 128 -6.70 17.54 -4.48
C ALA B 128 -6.33 18.38 -5.69
N VAL B 129 -7.17 18.44 -6.70
CA VAL B 129 -6.75 19.01 -7.97
C VAL B 129 -6.83 20.51 -7.87
N GLU B 130 -5.69 21.15 -8.10
CA GLU B 130 -5.59 22.63 -8.07
C GLU B 130 -5.67 23.24 -9.48
N THR B 131 -6.28 24.44 -9.53
CA THR B 131 -6.68 25.11 -10.76
C THR B 131 -6.15 26.53 -10.77
N ILE B 132 -5.75 27.00 -11.94
CA ILE B 132 -5.40 28.40 -12.16
C ILE B 132 -6.52 28.95 -13.01
N TRP B 133 -7.01 30.13 -12.65
CA TRP B 133 -8.13 30.77 -13.30
C TRP B 133 -7.59 31.98 -14.06
N ASN B 134 -8.22 32.27 -15.18
CA ASN B 134 -8.06 33.54 -15.85
C ASN B 134 -8.77 34.66 -14.99
N SER B 135 -8.61 35.90 -15.41
CA SER B 135 -9.06 37.03 -14.62
C SER B 135 -10.59 37.12 -14.60
N ASP B 136 -11.25 36.52 -15.58
CA ASP B 136 -12.70 36.47 -15.64
C ASP B 136 -13.32 35.23 -14.98
N GLY B 137 -12.50 34.43 -14.30
CA GLY B 137 -12.97 33.20 -13.68
C GLY B 137 -12.96 32.00 -14.59
N SER B 138 -12.69 32.19 -15.89
CA SER B 138 -12.66 31.02 -16.79
C SER B 138 -11.44 30.17 -16.44
N PHE B 139 -11.49 28.88 -16.76
CA PHE B 139 -10.42 27.94 -16.46
C PHE B 139 -9.22 28.25 -17.34
N LYS B 140 -8.04 28.38 -16.75
CA LYS B 140 -6.81 28.53 -17.53
C LYS B 140 -6.09 27.20 -17.72
N GLU B 141 -5.69 26.59 -16.60
CA GLU B 141 -4.89 25.37 -16.62
C GLU B 141 -4.88 24.74 -15.24
N LEU B 142 -4.49 23.46 -15.21
CA LEU B 142 -4.28 22.77 -13.97
C LEU B 142 -2.93 23.17 -13.40
N ASP B 143 -2.84 23.09 -12.10
CA ASP B 143 -1.58 23.26 -11.37
C ASP B 143 -1.28 21.94 -10.70
N ASN B 144 -0.38 21.18 -11.31
CA ASN B 144 -0.04 19.90 -10.75
C ASN B 144 1.18 19.88 -9.83
N SER B 145 1.46 21.01 -9.17
CA SER B 145 2.54 21.05 -8.22
C SER B 145 2.45 19.94 -7.14
N ASN B 146 1.23 19.59 -6.73
CA ASN B 146 1.01 18.61 -5.65
C ASN B 146 0.79 17.19 -6.15
N GLY B 147 0.86 17.00 -7.46
CA GLY B 147 0.74 15.67 -8.07
C GLY B 147 -0.66 15.11 -8.24
N ALA B 148 -1.65 15.80 -7.74
CA ALA B 148 -3.05 15.32 -7.74
C ALA B 148 -3.70 15.23 -9.10
N CYS B 149 -3.16 15.93 -10.10
CA CYS B 149 -3.70 15.79 -11.46
C CYS B 149 -3.27 14.49 -12.10
N ASP B 150 -2.21 13.87 -11.60
CA ASP B 150 -1.82 12.53 -12.06
C ASP B 150 -2.53 11.41 -11.32
N SER B 151 -2.52 11.46 -9.99
CA SER B 151 -3.14 10.38 -9.17
C SER B 151 -3.07 10.77 -7.70
N LYS B 152 -3.87 10.09 -6.90
CA LYS B 152 -3.75 10.15 -5.45
C LYS B 152 -2.40 9.59 -5.03
N LEU B 153 -1.94 8.56 -5.71
CA LEU B 153 -0.65 7.94 -5.45
C LEU B 153 0.49 8.95 -5.57
N SER B 154 0.49 9.70 -6.68
CA SER B 154 1.53 10.74 -6.87
C SER B 154 1.43 11.81 -5.78
N ALA B 155 0.21 12.28 -5.53
CA ALA B 155 0.03 13.27 -4.47
C ALA B 155 0.48 12.73 -3.12
N PHE B 156 0.13 11.50 -2.81
CA PHE B 156 0.50 10.93 -1.52
C PHE B 156 2.02 10.85 -1.38
N ASP B 157 2.67 10.37 -2.43
CA ASP B 157 4.12 10.25 -2.36
C ASP B 157 4.79 11.61 -2.17
N LYS B 158 4.25 12.66 -2.76
CA LYS B 158 4.79 13.99 -2.52
C LYS B 158 4.57 14.49 -1.10
N ALA B 159 3.46 14.08 -0.48
CA ALA B 159 3.07 14.54 0.85
C ALA B 159 3.51 13.61 1.99
N LYS B 160 4.16 12.49 1.65
CA LYS B 160 4.35 11.41 2.64
C LYS B 160 5.19 11.78 3.86
N GLY B 161 6.02 12.81 3.74
CA GLY B 161 6.80 13.29 4.88
C GLY B 161 5.94 13.93 5.96
N LEU B 162 4.69 14.25 5.64
CA LEU B 162 3.73 14.82 6.57
C LEU B 162 2.92 13.76 7.31
N ILE B 163 2.98 12.52 6.81
CA ILE B 163 2.12 11.44 7.24
C ILE B 163 2.94 10.33 7.85
N ASP B 164 2.76 10.09 9.13
CA ASP B 164 3.54 9.07 9.81
C ASP B 164 2.63 7.99 10.28
N GLY B 165 3.14 6.75 10.30
CA GLY B 165 2.43 5.64 10.85
C GLY B 165 1.42 5.01 9.92
N GLU B 166 0.45 4.35 10.49
CA GLU B 166 -0.51 3.54 9.73
C GLU B 166 -1.48 4.44 8.97
N VAL B 167 -1.84 4.01 7.76
CA VAL B 167 -2.73 4.76 6.85
C VAL B 167 -3.80 3.81 6.34
N ILE B 168 -5.06 4.18 6.57
CA ILE B 168 -6.21 3.46 6.01
C ILE B 168 -6.85 4.35 4.95
N ALA B 169 -7.02 3.82 3.74
CA ALA B 169 -7.67 4.54 2.64
C ALA B 169 -9.14 4.08 2.49
N ILE B 170 -10.03 5.05 2.37
CA ILE B 170 -11.47 4.84 2.24
C ILE B 170 -11.96 5.57 1.01
N GLY B 171 -12.54 4.84 0.09
CA GLY B 171 -13.10 5.47 -1.09
C GLY B 171 -13.78 4.52 -2.01
N ASP B 172 -14.37 5.06 -3.07
CA ASP B 172 -15.21 4.28 -4.00
C ASP B 172 -14.44 3.90 -5.25
N GLY B 173 -13.23 4.38 -5.41
CA GLY B 173 -12.58 4.26 -6.73
C GLY B 173 -11.29 3.49 -6.78
N TYR B 174 -10.88 3.17 -7.99
CA TYR B 174 -9.62 2.50 -8.21
C TYR B 174 -8.43 3.31 -7.72
N THR B 175 -8.52 4.65 -7.78
CA THR B 175 -7.44 5.51 -7.34
C THR B 175 -7.25 5.43 -5.83
N ASP B 176 -8.30 5.12 -5.08
CA ASP B 176 -8.18 4.85 -3.63
C ASP B 176 -7.51 3.51 -3.40
N TYR B 177 -8.00 2.49 -4.10
CA TYR B 177 -7.39 1.15 -4.10
C TYR B 177 -5.87 1.19 -4.36
N GLN B 178 -5.47 2.03 -5.30
CA GLN B 178 -4.06 2.11 -5.67
C GLN B 178 -3.17 2.47 -4.49
N LEU B 179 -3.67 3.26 -3.55
CA LEU B 179 -2.88 3.57 -2.36
C LEU B 179 -2.49 2.33 -1.56
N TYR B 180 -3.45 1.43 -1.39
CA TYR B 180 -3.22 0.15 -0.74
C TYR B 180 -2.36 -0.77 -1.61
N GLU B 181 -2.68 -0.87 -2.89
CA GLU B 181 -1.97 -1.81 -3.79
C GLU B 181 -0.47 -1.47 -3.79
N LYS B 182 -0.14 -0.18 -3.75
CA LYS B 182 1.25 0.27 -3.75
C LYS B 182 1.94 -0.06 -2.44
N GLY B 183 1.19 -0.09 -1.33
CA GLY B 183 1.77 -0.30 0.01
C GLY B 183 1.97 0.96 0.81
N TYR B 184 1.43 2.09 0.32
CA TYR B 184 1.37 3.27 1.10
C TYR B 184 0.29 3.25 2.16
N ALA B 185 -0.82 2.57 1.89
CA ALA B 185 -1.88 2.34 2.89
C ALA B 185 -1.90 0.89 3.26
N THR B 186 -2.06 0.61 4.54
CA THR B 186 -2.08 -0.76 4.97
C THR B 186 -3.39 -1.47 4.67
N LYS B 187 -4.46 -0.69 4.48
CA LYS B 187 -5.81 -1.22 4.31
C LYS B 187 -6.60 -0.27 3.43
N PHE B 188 -7.41 -0.85 2.56
CA PHE B 188 -8.35 -0.10 1.72
C PHE B 188 -9.71 -0.59 2.04
N ILE B 189 -10.61 0.34 2.33
CA ILE B 189 -12.03 0.02 2.53
C ILE B 189 -12.79 0.63 1.36
N ALA B 190 -13.37 -0.23 0.53
CA ALA B 190 -14.21 0.19 -0.57
C ALA B 190 -15.49 0.76 0.00
N TYR B 191 -15.77 2.03 -0.32
CA TYR B 191 -16.96 2.70 0.23
C TYR B 191 -18.02 2.84 -0.88
N GLU B 193 -21.62 3.09 -0.59
CA GLU B 193 -22.99 3.51 -0.29
C GLU B 193 -23.70 4.10 -1.52
N HIS B 194 -22.96 4.86 -2.31
CA HIS B 194 -23.54 5.74 -3.33
C HIS B 194 -23.39 5.20 -4.74
N ILE B 195 -22.50 4.27 -4.93
CA ILE B 195 -22.28 3.66 -6.21
C ILE B 195 -21.68 2.28 -5.96
N GLU B 196 -21.96 1.35 -6.87
CA GLU B 196 -21.46 -0.04 -6.75
C GLU B 196 -20.47 -0.26 -7.92
N ARG B 197 -19.19 -0.11 -7.64
CA ARG B 197 -18.14 -0.30 -8.68
C ARG B 197 -17.59 -1.73 -8.58
N GLU B 198 -18.18 -2.61 -9.39
CA GLU B 198 -17.89 -4.02 -9.30
C GLU B 198 -16.41 -4.38 -9.34
N LYS B 199 -15.64 -3.76 -10.23
CA LYS B 199 -14.22 -4.10 -10.35
C LYS B 199 -13.43 -3.74 -9.11
N VAL B 200 -13.80 -2.63 -8.44
CA VAL B 200 -13.07 -2.17 -7.26
C VAL B 200 -13.42 -3.09 -6.08
N ILE B 201 -14.69 -3.44 -5.99
CA ILE B 201 -15.20 -4.34 -4.91
C ILE B 201 -14.53 -5.68 -5.02
N ASN B 202 -14.39 -6.15 -6.25
CA ASN B 202 -13.66 -7.38 -6.48
C ASN B 202 -12.25 -7.41 -5.99
N LEU B 203 -11.59 -6.29 -6.10
CA LEU B 203 -10.22 -6.17 -5.61
C LEU B 203 -10.11 -5.99 -4.10
N SER B 204 -11.21 -5.65 -3.43
CA SER B 204 -11.17 -5.27 -2.02
CA SER B 204 -11.15 -5.28 -2.00
C SER B 204 -11.58 -6.43 -1.10
N LYS B 205 -10.98 -6.51 0.10
CA LYS B 205 -11.44 -7.47 1.11
C LYS B 205 -12.45 -6.81 2.04
N TYR B 206 -12.47 -5.48 2.07
CA TYR B 206 -13.30 -4.76 3.01
C TYR B 206 -14.19 -3.82 2.19
N VAL B 207 -15.50 -3.92 2.40
CA VAL B 207 -16.52 -3.14 1.70
C VAL B 207 -17.51 -2.65 2.73
N ALA B 208 -17.84 -1.36 2.66
CA ALA B 208 -18.89 -0.75 3.49
C ALA B 208 -19.87 -0.03 2.59
N ARG B 209 -21.17 -0.12 2.91
CA ARG B 209 -22.20 0.52 2.11
C ARG B 209 -23.06 1.48 2.93
N ASN B 210 -22.55 1.82 4.11
CA ASN B 210 -23.00 2.97 4.90
C ASN B 210 -22.01 3.27 6.00
N VAL B 211 -22.21 4.38 6.71
CA VAL B 211 -21.24 4.80 7.73
C VAL B 211 -21.17 3.82 8.91
N ALA B 212 -22.29 3.19 9.27
CA ALA B 212 -22.32 2.14 10.29
C ALA B 212 -21.38 1.00 9.96
N GLU B 213 -21.43 0.53 8.71
CA GLU B 213 -20.60 -0.61 8.29
C GLU B 213 -19.15 -0.14 8.27
N LEU B 214 -18.94 1.11 7.83
CA LEU B 214 -17.58 1.67 7.78
C LEU B 214 -16.99 1.78 9.19
N ALA B 215 -17.78 2.29 10.14
CA ALA B 215 -17.29 2.41 11.52
C ALA B 215 -16.94 1.03 12.13
N SER B 216 -17.73 0.02 11.79
CA SER B 216 -17.46 -1.32 12.30
C SER B 216 -16.15 -1.91 11.74
N LEU B 217 -15.71 -1.44 10.60
CA LEU B 217 -14.47 -1.92 9.99
C LEU B 217 -13.18 -1.25 10.49
N ILE B 218 -13.32 -0.07 11.12
CA ILE B 218 -12.18 0.72 11.57
C ILE B 218 -12.07 0.70 13.10
#